data_6TJQ
#
_entry.id   6TJQ
#
_cell.length_a   53.112
_cell.length_b   76.351
_cell.length_c   68.160
_cell.angle_alpha   90.000
_cell.angle_beta   101.987
_cell.angle_gamma   90.000
#
_symmetry.space_group_name_H-M   'P 1 21 1'
#
loop_
_entity.id
_entity.type
_entity.pdbx_description
1 polymer Glucosylceramidase
2 branched alpha-D-mannopyranose-(1-6)-beta-D-mannopyranose-(1-4)-2-acetamido-2-deoxy-beta-D-glucopyranose-(1-4)-2-acetamido-2-deoxy-beta-D-glucopyranose
3 non-polymer 'SULFATE ION'
4 non-polymer 2-acetamido-2-deoxy-beta-D-glucopyranose
5 non-polymer 1,2-ETHANEDIOL
6 non-polymer (2~{R},3~{S},4~{S},5~{S})-5-fluoranyl-2-(hydroxymethyl)oxane-3,4-diol
7 water water
#
_entity_poly.entity_id   1
_entity_poly.type   'polypeptide(L)'
_entity_poly.pdbx_seq_one_letter_code
;ARPCIPKSFGYSSVVCVCNATYCDSFDPPTFPALGTFSRYESTRSGRRMELSMGPIQANHTGTGLLLTLQPEQKFQKVKG
FGGAMTDAAALNILALSPPAQNLLLKSYFSEEGIGYNIIRVPMASCDFSIRTYTYADTPDDFQLHNFSLPEEDTKLKIPL
IHRALQLAQRPVSLLASPWTSPTWLKTNGAVNGKGSLKGQPGDIYHQTWARYFVKFLDAYAEHKLQFWAVTAENEPSAGL
LSGYPFQCLGFTPEHQRDFIARDLGPTLANSTHHNVRLLMLDDQRLLLPHWAKVVLTDPEAAKYVHGIAVHWYLDFLAPA
KATLGETHRLFPNTMLFASEACVGSKFWEQSVRLGSWDRGMQYSHSIITNLLYHVVGWTDWNLALNPEGGPNWVRNFVDS
PIIVDITKDTFYKQPMFYHLGHFSKFIPEGSQRVGLVASQKNDLDAVALMHPDGSAVVVVLNRSSKDVPLTIKDPAVGFL
ETISPGYSIHTYLWRRQ
;
_entity_poly.pdbx_strand_id   BBB
#
# COMPACT_ATOMS: atom_id res chain seq x y z
N ALA A 1 16.48 17.23 10.90
CA ALA A 1 16.66 15.92 10.20
C ALA A 1 17.92 15.25 10.72
N ARG A 2 17.88 13.95 10.95
CA ARG A 2 19.05 13.14 11.34
C ARG A 2 19.44 12.30 10.15
N PRO A 3 20.72 12.24 9.77
CA PRO A 3 21.11 11.45 8.62
C PRO A 3 21.02 9.94 8.86
N CYS A 4 20.88 9.23 7.75
CA CYS A 4 21.08 7.77 7.63
C CYS A 4 22.43 7.37 8.24
N ILE A 5 22.42 6.38 9.13
CA ILE A 5 23.63 5.58 9.49
C ILE A 5 23.65 4.39 8.55
N PRO A 6 24.50 4.38 7.50
CA PRO A 6 24.44 3.35 6.48
C PRO A 6 25.09 2.06 6.97
N LYS A 7 24.54 0.94 6.53
CA LYS A 7 25.20 -0.38 6.67
C LYS A 7 24.95 -1.20 5.42
N SER A 8 26.02 -1.79 4.88
CA SER A 8 25.99 -2.73 3.76
C SER A 8 25.90 -4.17 4.28
N PHE A 9 25.08 -4.96 3.61
CA PHE A 9 24.95 -6.42 3.87
C PHE A 9 25.40 -7.14 2.61
N GLY A 10 26.10 -6.43 1.71
CA GLY A 10 26.71 -7.02 0.50
C GLY A 10 25.79 -7.00 -0.70
N TYR A 11 24.63 -6.34 -0.61
CA TYR A 11 23.73 -6.11 -1.77
C TYR A 11 23.99 -4.71 -2.35
N SER A 12 23.16 -4.26 -3.29
CA SER A 12 23.53 -3.15 -4.20
C SER A 12 23.51 -1.82 -3.46
N SER A 13 22.85 -1.70 -2.30
CA SER A 13 22.83 -0.42 -1.55
C SER A 13 22.85 -0.72 -0.05
N VAL A 14 22.72 0.34 0.74
CA VAL A 14 22.80 0.33 2.22
C VAL A 14 21.37 0.37 2.80
N VAL A 15 21.23 -0.16 4.01
CA VAL A 15 20.08 0.12 4.91
C VAL A 15 20.52 1.28 5.80
N CYS A 16 19.55 1.97 6.37
CA CYS A 16 19.78 2.95 7.45
C CYS A 16 19.49 2.27 8.79
N VAL A 17 20.45 2.37 9.71
CA VAL A 17 20.41 1.65 11.00
C VAL A 17 19.71 2.52 12.05
N CYS A 18 18.69 1.97 12.70
CA CYS A 18 18.02 2.61 13.85
C CYS A 18 18.06 1.68 15.06
N ASN A 19 17.98 2.29 16.24
CA ASN A 19 17.95 1.55 17.52
C ASN A 19 17.21 2.39 18.56
N ALA A 20 17.41 2.11 19.85
CA ALA A 20 16.63 2.75 20.92
C ALA A 20 16.95 4.25 21.00
N THR A 21 18.16 4.66 20.61
CA THR A 21 18.70 6.04 20.84
C THR A 21 18.84 6.83 19.54
N TYR A 22 18.84 6.19 18.36
CA TYR A 22 19.06 6.90 17.09
C TYR A 22 18.19 6.33 15.98
N CYS A 23 17.57 7.22 15.19
CA CYS A 23 17.02 6.84 13.88
C CYS A 23 17.09 8.07 12.97
N ASP A 24 17.37 7.84 11.70
CA ASP A 24 17.39 8.92 10.68
C ASP A 24 15.98 9.47 10.60
N SER A 25 15.90 10.77 10.35
CA SER A 25 14.62 11.48 10.29
C SER A 25 14.69 12.50 9.17
N PHE A 26 13.52 12.96 8.80
CA PHE A 26 13.29 13.99 7.77
C PHE A 26 12.63 15.16 8.46
N ASP A 27 12.68 16.31 7.79
CA ASP A 27 11.85 17.47 8.20
C ASP A 27 10.44 17.22 7.66
N PRO A 28 9.41 17.81 8.30
CA PRO A 28 8.07 17.77 7.76
C PRO A 28 8.13 18.41 6.39
N PRO A 29 7.32 17.94 5.43
CA PRO A 29 7.38 18.50 4.08
C PRO A 29 6.87 19.95 4.09
N THR A 30 7.44 20.76 3.19
N THR A 30 7.48 20.78 3.23
CA THR A 30 6.97 22.13 2.87
CA THR A 30 7.02 22.15 2.89
C THR A 30 7.32 22.44 1.41
C THR A 30 7.30 22.39 1.40
N PHE A 31 6.49 23.24 0.74
CA PHE A 31 6.81 23.81 -0.59
C PHE A 31 7.79 24.96 -0.34
N PRO A 32 8.80 25.13 -1.19
CA PRO A 32 9.68 26.28 -1.08
C PRO A 32 9.00 27.51 -1.70
N ALA A 33 9.62 28.68 -1.56
CA ALA A 33 9.08 29.97 -2.02
C ALA A 33 8.85 29.94 -3.54
N LEU A 34 7.78 30.60 -3.99
CA LEU A 34 7.47 30.79 -5.43
C LEU A 34 8.74 31.24 -6.16
N GLY A 35 9.03 30.63 -7.30
CA GLY A 35 10.24 30.95 -8.10
C GLY A 35 11.38 29.99 -7.81
N THR A 36 11.26 29.13 -6.81
N THR A 36 11.21 29.10 -6.82
CA THR A 36 12.25 28.08 -6.52
CA THR A 36 12.21 28.10 -6.34
C THR A 36 11.55 26.72 -6.54
C THR A 36 11.57 26.71 -6.35
N PHE A 37 12.33 25.67 -6.69
CA PHE A 37 11.85 24.26 -6.57
C PHE A 37 12.71 23.56 -5.52
N SER A 38 12.15 22.52 -4.91
CA SER A 38 12.86 21.55 -4.03
C SER A 38 13.03 20.25 -4.80
N ARG A 39 14.18 19.62 -4.59
N ARG A 39 14.13 19.53 -4.55
CA ARG A 39 14.53 18.26 -5.08
CA ARG A 39 14.42 18.22 -5.20
C ARG A 39 14.88 17.42 -3.87
C ARG A 39 15.00 17.26 -4.15
N TYR A 40 14.16 16.31 -3.69
CA TYR A 40 14.54 15.26 -2.71
C TYR A 40 15.14 14.12 -3.50
N GLU A 41 16.38 13.73 -3.19
CA GLU A 41 17.12 12.75 -3.99
C GLU A 41 17.54 11.55 -3.13
N SER A 42 17.25 10.34 -3.60
CA SER A 42 17.80 9.08 -3.05
C SER A 42 18.55 8.37 -4.16
N THR A 43 19.68 7.77 -3.83
CA THR A 43 20.56 7.09 -4.80
C THR A 43 21.03 5.76 -4.26
N ARG A 44 21.34 4.85 -5.17
CA ARG A 44 21.98 3.56 -4.85
C ARG A 44 23.27 3.82 -4.06
N SER A 45 23.99 4.90 -4.41
CA SER A 45 25.27 5.29 -3.77
C SER A 45 25.07 5.65 -2.29
N GLY A 46 23.85 5.99 -1.83
CA GLY A 46 23.58 6.11 -0.38
C GLY A 46 22.85 7.37 0.02
N ARG A 47 22.52 8.26 -0.91
CA ARG A 47 21.76 9.49 -0.57
C ARG A 47 20.34 9.05 -0.20
N ARG A 48 19.77 9.65 0.83
CA ARG A 48 18.45 9.27 1.38
C ARG A 48 17.63 10.55 1.54
N MET A 49 16.79 10.84 0.54
CA MET A 49 15.96 12.08 0.46
C MET A 49 16.75 13.32 0.85
N GLU A 50 17.91 13.49 0.22
CA GLU A 50 18.73 14.71 0.35
C GLU A 50 17.98 15.85 -0.34
N LEU A 51 17.76 16.93 0.40
CA LEU A 51 17.07 18.15 -0.08
C LEU A 51 18.10 19.06 -0.72
N SER A 52 17.84 19.48 -1.95
CA SER A 52 18.52 20.61 -2.62
C SER A 52 17.45 21.50 -3.24
N MET A 53 17.76 22.76 -3.47
CA MET A 53 16.82 23.71 -4.11
C MET A 53 17.47 24.32 -5.35
N GLY A 54 16.63 24.77 -6.28
CA GLY A 54 17.06 25.38 -7.55
C GLY A 54 16.09 26.48 -7.96
N PRO A 55 16.50 27.35 -8.90
CA PRO A 55 15.64 28.39 -9.42
C PRO A 55 14.74 27.85 -10.54
N ILE A 56 13.58 28.43 -10.67
CA ILE A 56 12.71 28.23 -11.86
C ILE A 56 13.07 29.30 -12.88
N GLN A 57 13.46 28.89 -14.08
CA GLN A 57 13.93 29.80 -15.16
C GLN A 57 12.72 30.20 -16.02
N ALA A 58 12.69 31.41 -16.57
CA ALA A 58 11.59 31.88 -17.44
C ALA A 58 11.68 31.20 -18.80
N ASN A 59 12.88 30.83 -19.22
CA ASN A 59 13.19 30.38 -20.60
C ASN A 59 13.99 29.07 -20.55
N HIS A 60 13.92 28.33 -21.65
CA HIS A 60 14.71 27.10 -21.87
C HIS A 60 15.03 26.95 -23.36
N THR A 61 16.27 26.60 -23.66
CA THR A 61 16.74 26.26 -25.03
C THR A 61 17.51 24.95 -24.94
N GLY A 62 17.36 24.09 -25.95
CA GLY A 62 18.21 22.90 -26.15
C GLY A 62 17.44 21.70 -26.66
N THR A 63 18.14 20.58 -26.82
CA THR A 63 17.64 19.33 -27.47
C THR A 63 17.44 18.22 -26.43
N GLY A 64 17.72 18.51 -25.15
CA GLY A 64 17.64 17.53 -24.07
C GLY A 64 16.19 17.15 -23.79
N LEU A 65 16.01 16.09 -23.02
CA LEU A 65 14.67 15.61 -22.62
C LEU A 65 13.92 16.73 -21.89
N LEU A 66 12.68 17.02 -22.33
CA LEU A 66 11.74 17.96 -21.68
C LEU A 66 10.53 17.16 -21.20
N LEU A 67 10.16 17.32 -19.92
CA LEU A 67 8.89 16.77 -19.37
C LEU A 67 7.98 17.98 -19.14
N THR A 68 6.86 18.05 -19.84
CA THR A 68 5.96 19.21 -19.77
C THR A 68 4.74 18.84 -18.92
N LEU A 69 4.56 19.58 -17.83
CA LEU A 69 3.37 19.49 -16.95
C LEU A 69 2.14 19.91 -17.74
N GLN A 70 1.06 19.13 -17.62
N GLN A 70 1.06 19.13 -17.60
CA GLN A 70 -0.28 19.42 -18.20
CA GLN A 70 -0.29 19.38 -18.15
C GLN A 70 -1.21 19.60 -17.01
C GLN A 70 -1.22 19.59 -16.97
N PRO A 71 -1.08 20.71 -16.23
CA PRO A 71 -1.77 20.85 -14.94
C PRO A 71 -3.31 20.85 -15.01
N GLU A 72 -3.83 21.29 -16.15
N GLU A 72 -3.88 21.29 -16.13
CA GLU A 72 -5.29 21.35 -16.48
CA GLU A 72 -5.37 21.31 -16.28
C GLU A 72 -5.85 19.95 -16.75
C GLU A 72 -5.88 19.95 -16.79
N GLN A 73 -4.98 19.01 -17.13
CA GLN A 73 -5.39 17.64 -17.53
C GLN A 73 -5.47 16.80 -16.26
N LYS A 74 -6.68 16.51 -15.78
CA LYS A 74 -6.90 15.93 -14.43
C LYS A 74 -7.26 14.46 -14.55
N PHE A 75 -6.71 13.64 -13.66
CA PHE A 75 -7.01 12.20 -13.57
C PHE A 75 -7.58 11.93 -12.17
N GLN A 76 -7.09 10.89 -11.50
CA GLN A 76 -7.66 10.38 -10.25
C GLN A 76 -7.19 11.23 -9.07
N LYS A 77 -8.01 11.29 -8.02
N LYS A 77 -8.03 11.32 -8.05
CA LYS A 77 -7.61 11.86 -6.71
CA LYS A 77 -7.68 11.83 -6.70
C LYS A 77 -7.03 10.73 -5.85
C LYS A 77 -6.96 10.72 -5.94
N VAL A 78 -6.00 11.08 -5.09
CA VAL A 78 -5.20 10.11 -4.30
C VAL A 78 -5.88 9.86 -2.96
N LYS A 79 -6.05 8.59 -2.62
CA LYS A 79 -6.51 8.19 -1.28
C LYS A 79 -5.30 8.12 -0.34
N GLY A 80 -4.22 7.44 -0.74
CA GLY A 80 -2.96 7.51 0.01
C GLY A 80 -2.13 6.25 -0.05
N PHE A 81 -1.32 6.05 0.99
CA PHE A 81 -0.22 5.08 1.02
C PHE A 81 -0.10 4.53 2.43
N GLY A 82 0.25 3.27 2.53
CA GLY A 82 0.57 2.71 3.86
C GLY A 82 1.00 1.27 3.77
N GLY A 83 0.72 0.53 4.83
CA GLY A 83 1.16 -0.87 4.97
C GLY A 83 0.24 -1.66 5.88
N ALA A 84 0.60 -2.93 6.12
CA ALA A 84 -0.26 -3.92 6.81
C ALA A 84 0.21 -4.16 8.24
N MET A 85 -0.72 -4.03 9.18
CA MET A 85 -0.49 -4.41 10.60
C MET A 85 -0.91 -5.89 10.76
N THR A 86 -0.09 -6.80 10.23
CA THR A 86 -0.23 -8.25 10.43
C THR A 86 0.18 -8.62 11.85
N ASP A 87 -0.20 -9.81 12.30
CA ASP A 87 0.33 -10.37 13.57
C ASP A 87 1.87 -10.33 13.53
N ALA A 88 2.48 -10.77 12.42
CA ALA A 88 3.95 -10.83 12.27
C ALA A 88 4.53 -9.42 12.43
N ALA A 89 3.93 -8.40 11.82
CA ALA A 89 4.44 -7.01 11.93
C ALA A 89 4.37 -6.60 13.39
N ALA A 90 3.23 -6.85 14.03
CA ALA A 90 2.98 -6.39 15.42
C ALA A 90 4.00 -7.10 16.34
N LEU A 91 4.24 -8.38 16.15
CA LEU A 91 5.19 -9.15 17.00
C LEU A 91 6.60 -8.56 16.86
N ASN A 92 7.00 -8.24 15.62
CA ASN A 92 8.35 -7.71 15.33
C ASN A 92 8.49 -6.33 15.96
N ILE A 93 7.50 -5.45 15.78
CA ILE A 93 7.58 -4.09 16.37
C ILE A 93 7.68 -4.22 17.90
N LEU A 94 6.81 -5.02 18.50
CA LEU A 94 6.71 -5.10 19.98
C LEU A 94 7.90 -5.86 20.58
N ALA A 95 8.72 -6.53 19.75
CA ALA A 95 9.93 -7.23 20.22
C ALA A 95 11.05 -6.21 20.44
N LEU A 96 10.91 -5.00 19.88
CA LEU A 96 11.87 -3.89 20.09
C LEU A 96 11.62 -3.28 21.46
N SER A 97 12.62 -2.61 22.00
CA SER A 97 12.45 -1.80 23.24
C SER A 97 11.43 -0.71 22.94
N PRO A 98 10.64 -0.24 23.92
CA PRO A 98 9.68 0.85 23.67
C PRO A 98 10.25 2.05 22.93
N PRO A 99 11.45 2.59 23.27
CA PRO A 99 11.98 3.73 22.51
C PRO A 99 12.25 3.38 21.04
N ALA A 100 12.78 2.19 20.74
CA ALA A 100 12.99 1.70 19.36
C ALA A 100 11.64 1.53 18.67
N GLN A 101 10.62 1.00 19.37
CA GLN A 101 9.25 0.87 18.81
C GLN A 101 8.81 2.26 18.35
N ASN A 102 9.00 3.27 19.20
CA ASN A 102 8.48 4.63 18.92
C ASN A 102 9.19 5.20 17.69
N LEU A 103 10.48 4.92 17.52
CA LEU A 103 11.23 5.43 16.34
C LEU A 103 10.80 4.69 15.06
N LEU A 104 10.44 3.40 15.16
CA LEU A 104 9.95 2.65 13.99
C LEU A 104 8.58 3.24 13.61
N LEU A 105 7.69 3.39 14.58
CA LEU A 105 6.32 3.91 14.30
C LEU A 105 6.42 5.35 13.76
N LYS A 106 7.31 6.17 14.32
CA LYS A 106 7.53 7.54 13.78
C LYS A 106 8.07 7.48 12.34
N SER A 107 8.97 6.54 12.02
CA SER A 107 9.53 6.38 10.66
C SER A 107 8.38 6.33 9.67
N TYR A 108 7.34 5.56 9.99
CA TYR A 108 6.20 5.39 9.08
C TYR A 108 5.16 6.50 9.22
N PHE A 109 4.77 6.88 10.43
CA PHE A 109 3.49 7.59 10.65
C PHE A 109 3.65 9.09 10.98
N SER A 110 4.83 9.54 11.37
N SER A 110 4.86 9.52 11.32
CA SER A 110 5.05 10.97 11.70
CA SER A 110 5.18 10.92 11.70
C SER A 110 5.44 11.75 10.44
C SER A 110 5.50 11.74 10.43
N GLU A 111 5.34 13.07 10.50
CA GLU A 111 5.82 13.97 9.43
C GLU A 111 7.34 14.06 9.47
N GLU A 112 8.02 13.59 10.53
N GLU A 112 7.95 13.58 10.57
CA GLU A 112 9.50 13.42 10.47
CA GLU A 112 9.40 13.32 10.74
C GLU A 112 9.82 12.09 9.78
C GLU A 112 9.79 12.04 9.99
N GLY A 113 8.80 11.26 9.55
CA GLY A 113 8.97 10.01 8.79
C GLY A 113 8.31 10.16 7.43
N ILE A 114 7.59 9.16 6.96
CA ILE A 114 7.09 9.18 5.54
C ILE A 114 5.56 9.32 5.46
N GLY A 115 4.89 9.71 6.55
CA GLY A 115 3.50 10.23 6.52
C GLY A 115 2.48 9.23 6.00
N TYR A 116 2.64 7.94 6.29
CA TYR A 116 1.61 6.92 5.95
C TYR A 116 0.24 7.37 6.42
N ASN A 117 -0.80 7.09 5.65
CA ASN A 117 -2.19 7.40 6.07
C ASN A 117 -3.11 6.20 5.85
N ILE A 118 -2.57 5.02 5.55
CA ILE A 118 -3.38 3.78 5.37
C ILE A 118 -2.77 2.66 6.21
N ILE A 119 -3.60 1.92 6.94
CA ILE A 119 -3.16 0.64 7.58
C ILE A 119 -4.14 -0.47 7.18
N ARG A 120 -3.62 -1.52 6.57
CA ARG A 120 -4.44 -2.72 6.25
C ARG A 120 -4.36 -3.68 7.43
N VAL A 121 -5.53 -4.19 7.83
CA VAL A 121 -5.69 -4.99 9.08
C VAL A 121 -6.30 -6.32 8.68
N PRO A 122 -5.58 -7.46 8.81
CA PRO A 122 -6.20 -8.76 8.61
C PRO A 122 -7.33 -9.01 9.62
N MET A 123 -8.43 -9.56 9.11
CA MET A 123 -9.55 -10.06 9.94
C MET A 123 -9.17 -11.49 10.36
N ALA A 124 -8.54 -11.58 11.52
CA ALA A 124 -8.02 -12.82 12.15
C ALA A 124 -6.76 -13.28 11.38
N SER A 125 -6.47 -14.59 11.36
CA SER A 125 -5.11 -15.09 11.05
C SER A 125 -4.88 -15.11 9.54
N CYS A 126 -3.62 -14.95 9.14
CA CYS A 126 -3.17 -15.21 7.75
C CYS A 126 -1.84 -15.96 7.82
N ASP A 127 -1.08 -16.00 6.73
CA ASP A 127 0.24 -16.68 6.73
C ASP A 127 1.17 -15.96 7.70
N PHE A 128 1.07 -14.62 7.77
CA PHE A 128 1.88 -13.75 8.67
C PHE A 128 1.24 -13.71 10.05
N SER A 129 0.97 -14.91 10.56
CA SER A 129 0.52 -15.25 11.92
C SER A 129 1.32 -16.46 12.36
N ILE A 130 1.42 -16.67 13.67
CA ILE A 130 2.13 -17.83 14.26
C ILE A 130 1.10 -18.84 14.77
N ARG A 131 -0.18 -18.50 14.73
CA ARG A 131 -1.32 -19.30 15.24
C ARG A 131 -2.41 -19.25 14.18
N THR A 132 -3.12 -20.36 13.94
CA THR A 132 -4.28 -20.39 13.02
C THR A 132 -5.52 -20.21 13.90
N TYR A 133 -6.34 -19.23 13.58
CA TYR A 133 -7.53 -18.88 14.36
C TYR A 133 -8.44 -18.06 13.47
N THR A 134 -9.72 -18.07 13.79
CA THR A 134 -10.67 -17.05 13.30
C THR A 134 -11.28 -16.41 14.54
N TYR A 135 -12.22 -15.50 14.35
CA TYR A 135 -12.90 -14.82 15.46
C TYR A 135 -14.05 -15.69 15.95
N ALA A 136 -14.38 -16.80 15.29
CA ALA A 136 -15.57 -17.61 15.64
C ALA A 136 -15.30 -19.10 15.37
N ASP A 137 -14.39 -19.69 16.15
CA ASP A 137 -13.93 -21.08 15.95
C ASP A 137 -14.84 -22.06 16.69
N THR A 138 -15.77 -21.59 17.53
CA THR A 138 -16.76 -22.51 18.17
C THR A 138 -17.63 -23.06 17.05
N PRO A 139 -17.65 -24.39 16.82
CA PRO A 139 -18.39 -24.97 15.70
C PRO A 139 -19.89 -24.68 15.70
N ASP A 140 -20.40 -24.43 14.48
CA ASP A 140 -21.84 -24.27 14.15
C ASP A 140 -22.46 -23.15 14.96
N ASP A 141 -21.66 -22.13 15.31
CA ASP A 141 -22.14 -20.92 16.05
C ASP A 141 -22.71 -19.92 15.04
N PHE A 142 -23.81 -20.27 14.38
CA PHE A 142 -24.44 -19.43 13.32
C PHE A 142 -24.86 -18.08 13.91
N GLN A 143 -25.24 -18.06 15.19
CA GLN A 143 -25.64 -16.82 15.90
C GLN A 143 -24.40 -15.93 16.13
N LEU A 144 -23.19 -16.49 16.04
CA LEU A 144 -21.91 -15.81 16.39
C LEU A 144 -21.96 -15.27 17.83
N HIS A 145 -22.56 -16.03 18.77
CA HIS A 145 -22.51 -15.71 20.21
C HIS A 145 -21.08 -15.81 20.74
N ASN A 146 -20.24 -16.66 20.14
CA ASN A 146 -18.85 -16.91 20.60
C ASN A 146 -17.85 -16.12 19.74
N PHE A 147 -18.31 -15.20 18.89
CA PHE A 147 -17.41 -14.26 18.17
C PHE A 147 -16.61 -13.47 19.20
N SER A 148 -15.28 -13.45 19.10
CA SER A 148 -14.50 -12.49 19.92
C SER A 148 -13.14 -12.24 19.30
N LEU A 149 -12.56 -11.11 19.69
CA LEU A 149 -11.17 -10.73 19.34
C LEU A 149 -10.22 -11.38 20.33
N PRO A 150 -9.23 -12.16 19.85
CA PRO A 150 -8.19 -12.70 20.71
C PRO A 150 -7.10 -11.62 20.96
N GLU A 151 -6.07 -12.01 21.69
CA GLU A 151 -4.99 -11.11 22.13
C GLU A 151 -4.21 -10.58 20.93
N GLU A 152 -4.16 -11.32 19.82
CA GLU A 152 -3.48 -10.85 18.59
C GLU A 152 -4.06 -9.48 18.22
N ASP A 153 -5.36 -9.28 18.40
CA ASP A 153 -6.02 -7.97 18.18
C ASP A 153 -5.91 -7.10 19.43
N THR A 154 -6.35 -7.57 20.60
CA THR A 154 -6.57 -6.67 21.75
C THR A 154 -5.24 -6.23 22.39
N LYS A 155 -4.21 -7.08 22.30
N LYS A 155 -4.20 -7.07 22.30
CA LYS A 155 -2.91 -6.84 22.97
CA LYS A 155 -2.90 -6.82 22.98
C LYS A 155 -1.84 -6.35 21.99
C LYS A 155 -1.84 -6.36 21.99
N LEU A 156 -1.88 -6.80 20.73
CA LEU A 156 -0.82 -6.52 19.72
C LEU A 156 -1.29 -5.45 18.70
N LYS A 157 -2.20 -5.81 17.81
CA LYS A 157 -2.55 -4.97 16.64
C LYS A 157 -3.24 -3.68 17.08
N ILE A 158 -4.29 -3.78 17.90
CA ILE A 158 -5.11 -2.59 18.26
C ILE A 158 -4.27 -1.54 19.00
N PRO A 159 -3.51 -1.86 20.06
CA PRO A 159 -2.70 -0.84 20.72
C PRO A 159 -1.63 -0.19 19.83
N LEU A 160 -1.00 -0.97 18.94
CA LEU A 160 -0.05 -0.41 17.95
C LEU A 160 -0.78 0.54 16.99
N ILE A 161 -1.98 0.17 16.53
CA ILE A 161 -2.77 1.05 15.62
C ILE A 161 -3.06 2.37 16.34
N HIS A 162 -3.50 2.34 17.61
CA HIS A 162 -3.73 3.57 18.41
C HIS A 162 -2.45 4.41 18.45
N ARG A 163 -1.30 3.78 18.63
CA ARG A 163 -0.02 4.53 18.75
C ARG A 163 0.31 5.16 17.40
N ALA A 164 0.08 4.44 16.30
CA ALA A 164 0.27 4.98 14.94
C ALA A 164 -0.64 6.21 14.73
N LEU A 165 -1.91 6.12 15.14
CA LEU A 165 -2.88 7.22 14.95
C LEU A 165 -2.44 8.44 15.76
N GLN A 166 -1.88 8.24 16.95
N GLN A 166 -1.94 8.23 16.98
CA GLN A 166 -1.46 9.37 17.82
CA GLN A 166 -1.42 9.34 17.83
C GLN A 166 -0.23 10.08 17.22
C GLN A 166 -0.35 10.10 17.03
N LEU A 167 0.62 9.37 16.46
CA LEU A 167 1.79 9.98 15.77
C LEU A 167 1.36 10.64 14.46
N ALA A 168 0.35 10.11 13.77
CA ALA A 168 -0.09 10.62 12.46
C ALA A 168 -0.73 12.00 12.62
N GLN A 169 -0.31 12.98 11.81
CA GLN A 169 -0.98 14.31 11.73
C GLN A 169 -2.05 14.24 10.64
N ARG A 170 -1.93 13.32 9.69
CA ARG A 170 -2.94 13.13 8.61
C ARG A 170 -3.99 12.14 9.11
N PRO A 171 -5.26 12.29 8.69
CA PRO A 171 -6.27 11.28 9.01
C PRO A 171 -5.83 9.94 8.43
N VAL A 172 -5.85 8.91 9.27
CA VAL A 172 -5.45 7.53 8.84
C VAL A 172 -6.70 6.73 8.50
N SER A 173 -6.67 6.03 7.37
CA SER A 173 -7.76 5.15 6.87
C SER A 173 -7.37 3.70 7.12
N LEU A 174 -8.19 2.97 7.88
CA LEU A 174 -7.98 1.52 8.12
C LEU A 174 -8.74 0.75 7.05
N LEU A 175 -8.12 -0.32 6.55
CA LEU A 175 -8.67 -1.22 5.53
C LEU A 175 -8.65 -2.63 6.11
N ALA A 176 -9.81 -3.29 6.20
CA ALA A 176 -9.88 -4.67 6.72
C ALA A 176 -10.04 -5.66 5.58
N SER A 177 -9.39 -6.81 5.69
CA SER A 177 -9.51 -7.93 4.74
C SER A 177 -9.49 -9.26 5.48
N PRO A 178 -10.42 -10.19 5.21
CA PRO A 178 -10.32 -11.56 5.70
C PRO A 178 -9.61 -12.55 4.77
N TRP A 179 -8.90 -13.52 5.35
CA TRP A 179 -8.26 -14.62 4.57
C TRP A 179 -9.20 -15.83 4.61
N THR A 180 -9.56 -16.31 5.80
CA THR A 180 -10.47 -17.48 5.93
C THR A 180 -11.65 -17.11 6.83
N SER A 181 -12.78 -17.75 6.55
CA SER A 181 -13.91 -17.87 7.50
C SER A 181 -13.58 -18.96 8.51
N PRO A 182 -14.33 -19.04 9.61
CA PRO A 182 -14.39 -20.27 10.38
C PRO A 182 -14.54 -21.50 9.46
N THR A 183 -13.89 -22.59 9.82
CA THR A 183 -13.79 -23.82 9.00
C THR A 183 -15.18 -24.48 8.89
N TRP A 184 -16.07 -24.23 9.85
CA TRP A 184 -17.41 -24.88 9.90
C TRP A 184 -18.34 -24.16 8.90
N LEU A 185 -17.90 -23.04 8.29
CA LEU A 185 -18.67 -22.40 7.18
C LEU A 185 -18.16 -22.85 5.82
N LYS A 186 -17.13 -23.70 5.77
CA LYS A 186 -16.38 -24.00 4.52
C LYS A 186 -16.66 -25.43 4.04
N THR A 187 -16.67 -25.61 2.73
CA THR A 187 -16.88 -26.91 2.04
C THR A 187 -15.81 -27.91 2.47
N ASN A 188 -14.58 -27.45 2.78
CA ASN A 188 -13.42 -28.34 3.02
C ASN A 188 -13.10 -28.46 4.51
N GLY A 189 -13.79 -27.70 5.37
CA GLY A 189 -13.60 -27.74 6.82
C GLY A 189 -12.16 -27.49 7.24
N ALA A 190 -11.41 -26.67 6.51
CA ALA A 190 -9.99 -26.37 6.83
C ALA A 190 -9.71 -24.90 6.48
N VAL A 191 -8.76 -24.26 7.17
CA VAL A 191 -8.43 -22.82 6.94
C VAL A 191 -7.80 -22.63 5.55
N ASN A 192 -7.08 -23.64 5.05
CA ASN A 192 -6.29 -23.58 3.80
C ASN A 192 -6.84 -24.62 2.83
N GLY A 193 -6.19 -24.81 1.70
CA GLY A 193 -6.65 -25.73 0.66
C GLY A 193 -7.82 -25.17 -0.12
N LYS A 194 -8.25 -25.94 -1.12
CA LYS A 194 -9.38 -25.55 -2.01
C LYS A 194 -10.68 -25.66 -1.21
N GLY A 195 -11.41 -24.56 -1.11
CA GLY A 195 -12.69 -24.59 -0.39
C GLY A 195 -13.30 -23.21 -0.36
N SER A 196 -14.62 -23.18 -0.38
CA SER A 196 -15.46 -21.97 -0.41
C SER A 196 -16.40 -22.03 0.78
N LEU A 197 -17.21 -21.00 0.94
CA LEU A 197 -18.38 -21.08 1.83
C LEU A 197 -19.25 -22.25 1.33
N LYS A 198 -19.88 -22.94 2.27
CA LYS A 198 -20.92 -23.95 2.00
C LYS A 198 -22.12 -23.27 1.34
N GLY A 199 -22.87 -24.03 0.54
CA GLY A 199 -24.15 -23.59 -0.01
C GLY A 199 -23.98 -22.51 -1.06
N GLN A 200 -24.79 -21.46 -0.99
CA GLN A 200 -24.87 -20.43 -2.05
C GLN A 200 -25.23 -19.09 -1.43
N PRO A 201 -24.82 -17.97 -2.06
CA PRO A 201 -25.20 -16.65 -1.58
C PRO A 201 -26.71 -16.57 -1.29
N GLY A 202 -27.04 -15.86 -0.21
CA GLY A 202 -28.41 -15.66 0.31
C GLY A 202 -28.80 -16.68 1.35
N ASP A 203 -27.96 -17.68 1.63
CA ASP A 203 -28.32 -18.78 2.58
C ASP A 203 -27.70 -18.51 3.96
N ILE A 204 -27.96 -19.41 4.90
CA ILE A 204 -27.51 -19.26 6.30
C ILE A 204 -25.98 -19.13 6.37
N TYR A 205 -25.22 -19.86 5.55
CA TYR A 205 -23.73 -19.81 5.63
C TYR A 205 -23.25 -18.42 5.23
N HIS A 206 -23.82 -17.90 4.16
CA HIS A 206 -23.45 -16.59 3.57
C HIS A 206 -23.96 -15.45 4.45
N GLN A 207 -25.16 -15.57 5.02
CA GLN A 207 -25.68 -14.53 5.94
C GLN A 207 -24.81 -14.50 7.20
N THR A 208 -24.40 -15.66 7.73
CA THR A 208 -23.51 -15.74 8.92
C THR A 208 -22.19 -15.08 8.58
N TRP A 209 -21.63 -15.40 7.42
CA TRP A 209 -20.31 -14.82 7.01
C TRP A 209 -20.43 -13.29 6.86
N ALA A 210 -21.50 -12.77 6.28
CA ALA A 210 -21.74 -11.31 6.17
C ALA A 210 -21.87 -10.69 7.57
N ARG A 211 -22.58 -11.36 8.48
CA ARG A 211 -22.72 -10.86 9.87
C ARG A 211 -21.37 -10.83 10.60
N TYR A 212 -20.45 -11.75 10.29
CA TYR A 212 -19.09 -11.79 10.87
C TYR A 212 -18.34 -10.50 10.56
N PHE A 213 -18.55 -9.91 9.38
CA PHE A 213 -17.95 -8.60 9.00
C PHE A 213 -18.46 -7.54 9.98
N VAL A 214 -19.77 -7.51 10.22
CA VAL A 214 -20.37 -6.51 11.14
C VAL A 214 -19.86 -6.75 12.57
N LYS A 215 -19.76 -8.00 13.03
CA LYS A 215 -19.26 -8.32 14.39
C LYS A 215 -17.79 -7.84 14.51
N PHE A 216 -17.01 -8.06 13.46
CA PHE A 216 -15.61 -7.55 13.38
C PHE A 216 -15.60 -6.03 13.58
N LEU A 217 -16.38 -5.30 12.77
CA LEU A 217 -16.39 -3.82 12.85
C LEU A 217 -16.94 -3.36 14.21
N ASP A 218 -17.96 -4.05 14.74
CA ASP A 218 -18.48 -3.74 16.10
C ASP A 218 -17.35 -3.83 17.12
N ALA A 219 -16.58 -4.91 17.07
CA ALA A 219 -15.56 -5.22 18.08
C ALA A 219 -14.43 -4.19 17.99
N TYR A 220 -14.00 -3.84 16.78
CA TYR A 220 -12.95 -2.81 16.61
C TYR A 220 -13.51 -1.45 17.07
N ALA A 221 -14.80 -1.17 16.84
CA ALA A 221 -15.48 0.08 17.28
C ALA A 221 -15.55 0.14 18.82
N GLU A 222 -15.73 -0.97 19.51
CA GLU A 222 -15.64 -1.02 21.00
C GLU A 222 -14.23 -0.60 21.45
N HIS A 223 -13.21 -0.85 20.60
CA HIS A 223 -11.79 -0.47 20.87
C HIS A 223 -11.45 0.89 20.25
N LYS A 224 -12.47 1.67 19.85
CA LYS A 224 -12.34 3.08 19.40
C LYS A 224 -11.56 3.15 18.09
N LEU A 225 -11.67 2.12 17.24
CA LEU A 225 -11.15 2.12 15.85
C LEU A 225 -12.33 1.98 14.88
N GLN A 226 -12.35 2.84 13.87
CA GLN A 226 -13.35 2.88 12.79
C GLN A 226 -12.62 2.60 11.47
N PHE A 227 -13.26 1.91 10.53
CA PHE A 227 -12.65 1.53 9.23
C PHE A 227 -13.13 2.47 8.13
N TRP A 228 -12.24 2.75 7.21
CA TRP A 228 -12.57 3.43 5.93
C TRP A 228 -13.24 2.43 4.99
N ALA A 229 -12.67 1.23 4.92
CA ALA A 229 -13.07 0.22 3.93
C ALA A 229 -12.82 -1.18 4.45
N VAL A 230 -13.55 -2.12 3.87
CA VAL A 230 -13.26 -3.58 3.94
C VAL A 230 -13.15 -4.10 2.51
N THR A 231 -12.44 -5.20 2.32
CA THR A 231 -12.48 -5.96 1.04
C THR A 231 -13.40 -7.16 1.20
N ALA A 232 -13.89 -7.66 0.09
CA ALA A 232 -14.90 -8.74 0.08
C ALA A 232 -14.27 -10.09 0.44
N GLU A 233 -12.93 -10.18 0.37
CA GLU A 233 -12.10 -11.37 0.65
C GLU A 233 -10.68 -11.04 0.18
N ASN A 234 -9.67 -11.45 0.93
CA ASN A 234 -8.28 -11.41 0.41
C ASN A 234 -8.12 -12.50 -0.65
N GLU A 235 -7.72 -12.12 -1.87
CA GLU A 235 -7.31 -13.07 -2.94
C GLU A 235 -8.32 -14.22 -3.05
N PRO A 236 -9.59 -13.93 -3.38
CA PRO A 236 -10.61 -14.96 -3.51
C PRO A 236 -10.25 -16.07 -4.51
N SER A 237 -9.41 -15.78 -5.50
CA SER A 237 -8.99 -16.80 -6.49
C SER A 237 -8.12 -17.87 -5.79
N ALA A 238 -7.46 -17.53 -4.68
CA ALA A 238 -6.56 -18.47 -3.96
C ALA A 238 -7.34 -19.70 -3.52
N GLY A 239 -8.56 -19.53 -2.97
CA GLY A 239 -9.33 -20.65 -2.41
C GLY A 239 -9.88 -21.56 -3.50
N LEU A 240 -9.70 -21.22 -4.77
CA LEU A 240 -10.10 -22.07 -5.93
C LEU A 240 -8.98 -23.03 -6.27
N LEU A 241 -7.80 -22.91 -5.64
CA LEU A 241 -6.61 -23.66 -6.08
C LEU A 241 -6.41 -24.87 -5.16
N SER A 242 -6.34 -26.06 -5.76
N SER A 242 -6.39 -26.07 -5.73
CA SER A 242 -5.97 -27.32 -5.08
CA SER A 242 -6.06 -27.33 -5.01
C SER A 242 -4.71 -27.07 -4.26
C SER A 242 -4.75 -27.10 -4.26
N GLY A 243 -4.74 -27.41 -2.96
CA GLY A 243 -3.52 -27.44 -2.12
C GLY A 243 -3.06 -26.04 -1.77
N TYR A 244 -3.94 -25.03 -1.86
CA TYR A 244 -3.50 -23.66 -1.48
C TYR A 244 -2.92 -23.73 -0.07
N PRO A 245 -1.66 -23.30 0.15
CA PRO A 245 -0.97 -23.58 1.41
C PRO A 245 -1.42 -22.86 2.69
N PHE A 246 -2.11 -21.72 2.63
CA PHE A 246 -2.45 -20.96 3.86
C PHE A 246 -3.87 -20.43 3.77
N GLN A 247 -4.29 -19.71 4.81
CA GLN A 247 -5.69 -19.26 5.00
C GLN A 247 -6.22 -18.65 3.70
N CYS A 248 -7.38 -19.13 3.27
CA CYS A 248 -8.03 -18.66 2.03
C CYS A 248 -9.52 -19.00 2.09
N LEU A 249 -10.26 -18.48 1.12
CA LEU A 249 -11.72 -18.68 1.03
C LEU A 249 -12.08 -18.39 -0.43
N GLY A 250 -12.36 -19.45 -1.18
CA GLY A 250 -12.49 -19.41 -2.65
C GLY A 250 -13.78 -18.74 -3.08
N PHE A 251 -13.70 -17.80 -4.00
CA PHE A 251 -14.85 -17.23 -4.74
C PHE A 251 -14.48 -17.10 -6.21
N THR A 252 -15.29 -17.69 -7.09
CA THR A 252 -15.37 -17.26 -8.52
C THR A 252 -15.88 -15.84 -8.54
N PRO A 253 -15.70 -15.08 -9.65
CA PRO A 253 -16.28 -13.74 -9.72
C PRO A 253 -17.82 -13.77 -9.58
N GLU A 254 -18.47 -14.81 -10.09
CA GLU A 254 -19.93 -14.96 -9.99
C GLU A 254 -20.32 -15.12 -8.51
N HIS A 255 -19.56 -15.92 -7.78
CA HIS A 255 -19.80 -16.18 -6.35
C HIS A 255 -19.63 -14.85 -5.58
N GLN A 256 -18.54 -14.13 -5.86
CA GLN A 256 -18.33 -12.79 -5.21
C GLN A 256 -19.49 -11.84 -5.57
N ARG A 257 -19.89 -11.77 -6.84
CA ARG A 257 -21.00 -10.89 -7.29
C ARG A 257 -22.25 -11.18 -6.44
N ASP A 258 -22.65 -12.44 -6.34
CA ASP A 258 -23.92 -12.82 -5.67
C ASP A 258 -23.78 -12.67 -4.15
N PHE A 259 -22.61 -12.96 -3.57
CA PHE A 259 -22.35 -12.75 -2.13
C PHE A 259 -22.49 -11.25 -1.80
N ILE A 260 -21.88 -10.39 -2.61
CA ILE A 260 -21.98 -8.93 -2.39
C ILE A 260 -23.44 -8.49 -2.49
N ALA A 261 -24.15 -8.91 -3.55
CA ALA A 261 -25.51 -8.44 -3.85
C ALA A 261 -26.47 -8.88 -2.74
N ARG A 262 -26.36 -10.14 -2.32
CA ARG A 262 -27.39 -10.81 -1.46
C ARG A 262 -27.04 -10.65 0.02
N ASP A 263 -25.76 -10.71 0.37
CA ASP A 263 -25.35 -10.93 1.78
C ASP A 263 -24.52 -9.74 2.27
N LEU A 264 -23.31 -9.57 1.75
CA LEU A 264 -22.34 -8.61 2.35
C LEU A 264 -22.84 -7.18 2.17
N GLY A 265 -23.27 -6.80 0.97
CA GLY A 265 -23.73 -5.43 0.69
C GLY A 265 -24.90 -5.06 1.59
N PRO A 266 -26.02 -5.80 1.50
CA PRO A 266 -27.20 -5.50 2.33
C PRO A 266 -26.92 -5.52 3.84
N THR A 267 -26.09 -6.45 4.32
CA THR A 267 -25.75 -6.57 5.77
C THR A 267 -24.99 -5.32 6.22
N LEU A 268 -23.96 -4.92 5.49
CA LEU A 268 -23.20 -3.68 5.84
C LEU A 268 -24.13 -2.47 5.75
N ALA A 269 -24.96 -2.39 4.70
CA ALA A 269 -25.80 -1.20 4.41
C ALA A 269 -26.83 -1.02 5.53
N ASN A 270 -27.32 -2.11 6.12
CA ASN A 270 -28.36 -2.09 7.18
C ASN A 270 -27.73 -1.98 8.58
N SER A 271 -26.43 -1.71 8.69
CA SER A 271 -25.69 -1.68 9.99
C SER A 271 -25.23 -0.26 10.30
N THR A 272 -24.70 -0.06 11.52
CA THR A 272 -24.09 1.22 11.96
C THR A 272 -22.85 1.47 11.10
N HIS A 273 -22.36 0.47 10.36
CA HIS A 273 -21.12 0.59 9.54
C HIS A 273 -21.46 0.89 8.09
N HIS A 274 -22.66 1.41 7.80
CA HIS A 274 -23.13 1.65 6.42
C HIS A 274 -22.16 2.56 5.64
N ASN A 275 -21.38 3.44 6.29
CA ASN A 275 -20.50 4.38 5.54
C ASN A 275 -19.18 3.71 5.19
N VAL A 276 -18.88 2.55 5.78
CA VAL A 276 -17.64 1.79 5.45
C VAL A 276 -17.71 1.40 3.97
N ARG A 277 -16.65 1.66 3.22
CA ARG A 277 -16.57 1.35 1.78
C ARG A 277 -16.32 -0.14 1.60
N LEU A 278 -16.89 -0.72 0.54
CA LEU A 278 -16.62 -2.12 0.14
C LEU A 278 -15.80 -2.13 -1.13
N LEU A 279 -14.65 -2.78 -1.07
CA LEU A 279 -13.79 -3.00 -2.24
C LEU A 279 -13.91 -4.47 -2.66
N MET A 280 -14.07 -4.68 -3.97
CA MET A 280 -14.12 -6.04 -4.56
C MET A 280 -12.72 -6.44 -5.06
N LEU A 281 -12.65 -7.70 -5.49
CA LEU A 281 -11.45 -8.36 -6.10
C LEU A 281 -10.38 -8.58 -5.02
N ASP A 282 -9.62 -7.54 -4.62
CA ASP A 282 -8.49 -7.69 -3.66
C ASP A 282 -7.59 -8.85 -4.10
N ASP A 283 -7.22 -8.85 -5.38
CA ASP A 283 -6.50 -9.97 -6.02
C ASP A 283 -5.68 -9.41 -7.19
N GLN A 284 -5.01 -10.31 -7.92
CA GLN A 284 -4.03 -9.94 -8.97
C GLN A 284 -4.77 -9.23 -10.11
N ARG A 285 -4.13 -8.26 -10.74
CA ARG A 285 -4.81 -7.42 -11.77
C ARG A 285 -4.99 -8.23 -13.06
N LEU A 286 -4.33 -9.37 -13.21
CA LEU A 286 -4.55 -10.31 -14.35
C LEU A 286 -6.04 -10.70 -14.42
N LEU A 287 -6.77 -10.63 -13.31
CA LEU A 287 -8.21 -10.98 -13.26
C LEU A 287 -9.08 -9.84 -13.79
N LEU A 288 -8.50 -8.71 -14.17
CA LEU A 288 -9.23 -7.56 -14.77
C LEU A 288 -8.97 -7.51 -16.27
N PRO A 289 -9.95 -6.98 -17.04
CA PRO A 289 -11.21 -6.48 -16.51
C PRO A 289 -12.35 -7.49 -16.23
N HIS A 290 -12.12 -8.77 -16.48
CA HIS A 290 -13.17 -9.83 -16.40
C HIS A 290 -13.91 -9.75 -15.05
N TRP A 291 -13.21 -9.78 -13.93
CA TRP A 291 -13.88 -9.77 -12.59
C TRP A 291 -14.76 -8.53 -12.45
N ALA A 292 -14.25 -7.37 -12.86
CA ALA A 292 -15.00 -6.11 -12.76
C ALA A 292 -16.29 -6.23 -13.60
N LYS A 293 -16.20 -6.76 -14.80
CA LYS A 293 -17.36 -6.93 -15.70
C LYS A 293 -18.39 -7.83 -15.01
N VAL A 294 -17.96 -8.97 -14.48
CA VAL A 294 -18.91 -9.95 -13.87
C VAL A 294 -19.64 -9.29 -12.69
N VAL A 295 -18.91 -8.62 -11.79
CA VAL A 295 -19.55 -8.07 -10.55
C VAL A 295 -20.36 -6.81 -10.92
N LEU A 296 -19.77 -5.86 -11.63
CA LEU A 296 -20.31 -4.48 -11.73
C LEU A 296 -21.39 -4.38 -12.81
N THR A 297 -21.56 -5.38 -13.68
CA THR A 297 -22.65 -5.39 -14.71
C THR A 297 -23.94 -5.86 -14.04
N ASP A 298 -23.88 -6.35 -12.80
CA ASP A 298 -25.07 -6.66 -11.98
C ASP A 298 -25.39 -5.45 -11.11
N PRO A 299 -26.45 -4.66 -11.42
CA PRO A 299 -26.75 -3.46 -10.65
C PRO A 299 -26.91 -3.69 -9.13
N GLU A 300 -27.38 -4.88 -8.73
CA GLU A 300 -27.68 -5.19 -7.31
C GLU A 300 -26.37 -5.44 -6.55
N ALA A 301 -25.30 -5.86 -7.24
CA ALA A 301 -23.93 -5.92 -6.68
C ALA A 301 -23.25 -4.56 -6.80
N ALA A 302 -23.36 -3.90 -7.97
CA ALA A 302 -22.64 -2.65 -8.28
C ALA A 302 -22.98 -1.56 -7.26
N LYS A 303 -24.23 -1.51 -6.79
CA LYS A 303 -24.67 -0.42 -5.87
C LYS A 303 -23.92 -0.49 -4.53
N TYR A 304 -23.29 -1.62 -4.19
CA TYR A 304 -22.57 -1.78 -2.91
C TYR A 304 -21.06 -1.62 -3.08
N VAL A 305 -20.55 -1.66 -4.32
CA VAL A 305 -19.09 -1.70 -4.58
C VAL A 305 -18.57 -0.28 -4.81
N HIS A 306 -17.69 0.17 -3.91
CA HIS A 306 -17.00 1.50 -3.94
C HIS A 306 -15.81 1.44 -4.88
N GLY A 307 -15.06 0.35 -4.83
CA GLY A 307 -13.76 0.28 -5.49
C GLY A 307 -13.32 -1.14 -5.75
N ILE A 308 -12.21 -1.25 -6.48
CA ILE A 308 -11.60 -2.52 -6.96
C ILE A 308 -10.19 -2.52 -6.41
N ALA A 309 -9.91 -3.45 -5.50
CA ALA A 309 -8.58 -3.58 -4.86
C ALA A 309 -7.75 -4.55 -5.69
N VAL A 310 -6.49 -4.18 -5.95
CA VAL A 310 -5.55 -4.97 -6.80
C VAL A 310 -4.26 -5.28 -6.02
N HIS A 311 -3.71 -6.46 -6.24
CA HIS A 311 -2.42 -6.95 -5.71
C HIS A 311 -1.41 -7.04 -6.85
N TRP A 312 -0.13 -6.91 -6.55
CA TRP A 312 0.88 -6.69 -7.62
C TRP A 312 1.50 -7.98 -8.16
N TYR A 313 1.16 -9.17 -7.65
CA TYR A 313 2.03 -10.37 -7.80
C TYR A 313 2.04 -10.91 -9.23
N LEU A 314 1.04 -10.61 -10.07
CA LEU A 314 1.09 -11.02 -11.49
C LEU A 314 1.28 -9.81 -12.41
N ASP A 315 1.71 -8.67 -11.89
CA ASP A 315 1.89 -7.45 -12.72
C ASP A 315 2.84 -7.76 -13.89
N PHE A 316 3.85 -8.60 -13.67
CA PHE A 316 4.86 -8.96 -14.72
C PHE A 316 4.19 -9.70 -15.90
N LEU A 317 3.01 -10.30 -15.71
CA LEU A 317 2.25 -11.06 -16.77
C LEU A 317 1.00 -10.31 -17.21
N ALA A 318 0.74 -9.12 -16.66
CA ALA A 318 -0.53 -8.40 -16.81
C ALA A 318 -0.28 -6.94 -17.13
N PRO A 319 -0.11 -6.58 -18.42
CA PRO A 319 0.12 -5.18 -18.79
C PRO A 319 -0.96 -4.25 -18.19
N ALA A 320 -0.53 -3.12 -17.65
CA ALA A 320 -1.39 -2.14 -16.93
C ALA A 320 -2.51 -1.64 -17.85
N LYS A 321 -2.21 -1.37 -19.12
CA LYS A 321 -3.20 -0.80 -20.07
C LYS A 321 -4.39 -1.75 -20.23
N ALA A 322 -4.13 -3.04 -20.41
CA ALA A 322 -5.13 -4.09 -20.72
C ALA A 322 -5.95 -4.43 -19.46
N THR A 323 -5.43 -4.12 -18.28
CA THR A 323 -6.04 -4.51 -16.99
C THR A 323 -6.62 -3.27 -16.32
N LEU A 324 -5.76 -2.45 -15.74
CA LEU A 324 -6.16 -1.19 -15.06
C LEU A 324 -6.81 -0.23 -16.07
N GLY A 325 -6.14 -0.01 -17.20
CA GLY A 325 -6.60 0.96 -18.20
C GLY A 325 -7.98 0.57 -18.69
N GLU A 326 -8.17 -0.68 -19.08
CA GLU A 326 -9.46 -1.18 -19.62
C GLU A 326 -10.53 -1.14 -18.53
N THR A 327 -10.19 -1.51 -17.30
CA THR A 327 -11.16 -1.44 -16.16
C THR A 327 -11.61 0.00 -15.94
N HIS A 328 -10.69 0.95 -15.91
CA HIS A 328 -11.03 2.39 -15.75
C HIS A 328 -11.93 2.83 -16.90
N ARG A 329 -11.61 2.43 -18.13
CA ARG A 329 -12.42 2.83 -19.31
C ARG A 329 -13.87 2.35 -19.13
N LEU A 330 -14.07 1.09 -18.73
CA LEU A 330 -15.41 0.46 -18.62
C LEU A 330 -16.17 1.00 -17.41
N PHE A 331 -15.48 1.25 -16.31
CA PHE A 331 -16.06 1.62 -14.99
C PHE A 331 -15.28 2.80 -14.42
N PRO A 332 -15.38 3.99 -15.06
CA PRO A 332 -14.57 5.13 -14.65
C PRO A 332 -14.91 5.70 -13.26
N ASN A 333 -16.09 5.40 -12.70
CA ASN A 333 -16.54 5.96 -11.40
C ASN A 333 -16.32 4.92 -10.29
N THR A 334 -15.67 3.81 -10.58
CA THR A 334 -15.29 2.79 -9.58
C THR A 334 -13.76 2.85 -9.41
N MET A 335 -13.30 3.42 -8.29
CA MET A 335 -11.87 3.64 -8.02
C MET A 335 -11.11 2.30 -8.05
N LEU A 336 -9.87 2.36 -8.52
CA LEU A 336 -8.89 1.25 -8.45
C LEU A 336 -7.90 1.58 -7.32
N PHE A 337 -7.56 0.58 -6.52
CA PHE A 337 -6.74 0.79 -5.30
C PHE A 337 -5.81 -0.40 -5.13
N ALA A 338 -4.51 -0.16 -4.98
CA ALA A 338 -3.52 -1.25 -4.81
C ALA A 338 -3.38 -1.55 -3.30
N SER A 339 -3.71 -2.79 -2.91
CA SER A 339 -3.91 -3.14 -1.48
C SER A 339 -2.88 -4.11 -0.92
N GLU A 340 -1.96 -4.64 -1.74
N GLU A 340 -1.97 -4.66 -1.74
CA GLU A 340 -0.92 -5.58 -1.24
CA GLU A 340 -0.94 -5.60 -1.25
C GLU A 340 0.21 -5.75 -2.26
C GLU A 340 0.20 -5.72 -2.26
N ALA A 341 1.43 -5.51 -1.79
CA ALA A 341 2.69 -5.72 -2.54
C ALA A 341 3.77 -6.14 -1.55
N CYS A 342 4.65 -7.02 -1.99
CA CYS A 342 5.92 -7.31 -1.32
C CYS A 342 6.81 -8.05 -2.30
N VAL A 343 8.11 -7.86 -2.16
CA VAL A 343 9.12 -8.70 -2.84
C VAL A 343 9.44 -9.87 -1.90
N GLY A 344 9.85 -10.99 -2.48
CA GLY A 344 10.44 -12.12 -1.76
C GLY A 344 9.53 -13.33 -1.81
N SER A 345 8.28 -13.17 -2.24
CA SER A 345 7.27 -14.26 -2.19
C SER A 345 7.44 -15.26 -3.35
N LYS A 346 8.12 -14.85 -4.42
N LYS A 346 8.09 -14.86 -4.44
CA LYS A 346 8.25 -15.66 -5.67
CA LYS A 346 8.18 -15.71 -5.66
C LYS A 346 9.36 -16.71 -5.50
C LYS A 346 9.33 -16.70 -5.50
N PHE A 347 9.18 -17.85 -6.16
CA PHE A 347 10.14 -18.98 -6.20
C PHE A 347 11.55 -18.50 -6.57
N TRP A 348 11.66 -17.50 -7.46
CA TRP A 348 12.96 -17.00 -8.01
C TRP A 348 13.49 -15.83 -7.17
N GLU A 349 12.85 -15.50 -6.05
CA GLU A 349 13.25 -14.36 -5.18
C GLU A 349 13.71 -14.86 -3.82
N GLN A 350 14.85 -14.39 -3.34
CA GLN A 350 15.23 -14.64 -1.94
C GLN A 350 14.27 -13.81 -1.05
N SER A 351 13.93 -14.34 0.13
CA SER A 351 12.94 -13.71 1.04
C SER A 351 13.39 -12.29 1.40
N VAL A 352 14.59 -12.13 1.95
CA VAL A 352 15.13 -10.82 2.44
C VAL A 352 16.48 -10.56 1.77
N ARG A 353 16.66 -9.36 1.24
CA ARG A 353 17.91 -8.92 0.58
C ARG A 353 18.32 -7.56 1.15
N LEU A 354 18.94 -7.54 2.32
CA LEU A 354 19.10 -6.28 3.11
C LEU A 354 19.87 -5.26 2.27
N GLY A 355 19.21 -4.14 1.99
CA GLY A 355 19.83 -2.97 1.33
C GLY A 355 19.62 -3.01 -0.16
N SER A 356 18.78 -3.93 -0.66
CA SER A 356 18.53 -4.09 -2.12
C SER A 356 18.01 -2.78 -2.72
N TRP A 357 18.80 -2.14 -3.58
CA TRP A 357 18.30 -1.04 -4.44
C TRP A 357 17.26 -1.56 -5.44
N ASP A 358 17.43 -2.78 -5.98
CA ASP A 358 16.49 -3.35 -6.97
C ASP A 358 15.06 -3.36 -6.38
N ARG A 359 14.94 -3.78 -5.12
CA ARG A 359 13.61 -3.91 -4.49
C ARG A 359 13.01 -2.52 -4.24
N GLY A 360 13.83 -1.51 -3.89
CA GLY A 360 13.32 -0.14 -3.85
C GLY A 360 12.75 0.28 -5.21
N MET A 361 13.51 0.07 -6.28
CA MET A 361 13.08 0.43 -7.66
C MET A 361 11.81 -0.32 -8.05
N GLN A 362 11.65 -1.59 -7.64
CA GLN A 362 10.39 -2.35 -7.88
C GLN A 362 9.20 -1.58 -7.25
N TYR A 363 9.34 -1.10 -6.03
CA TYR A 363 8.25 -0.35 -5.34
C TYR A 363 7.91 0.93 -6.11
N SER A 364 8.91 1.78 -6.40
CA SER A 364 8.64 3.09 -7.04
C SER A 364 8.14 2.87 -8.47
N HIS A 365 8.69 1.91 -9.21
CA HIS A 365 8.19 1.58 -10.57
C HIS A 365 6.71 1.17 -10.49
N SER A 366 6.38 0.32 -9.54
CA SER A 366 4.99 -0.13 -9.31
C SER A 366 4.10 1.08 -9.00
N ILE A 367 4.50 1.91 -8.06
CA ILE A 367 3.63 3.04 -7.63
C ILE A 367 3.41 3.99 -8.82
N ILE A 368 4.46 4.32 -9.56
CA ILE A 368 4.32 5.21 -10.75
C ILE A 368 3.37 4.57 -11.77
N THR A 369 3.56 3.29 -12.11
CA THR A 369 2.76 2.63 -13.16
C THR A 369 1.28 2.61 -12.70
N ASN A 370 1.04 2.28 -11.44
CA ASN A 370 -0.32 2.31 -10.84
C ASN A 370 -0.89 3.73 -10.96
N LEU A 371 -0.13 4.76 -10.60
CA LEU A 371 -0.66 6.15 -10.64
C LEU A 371 -0.95 6.54 -12.08
N LEU A 372 -0.15 6.07 -13.03
CA LEU A 372 -0.33 6.43 -14.46
C LEU A 372 -1.55 5.72 -15.04
N TYR A 373 -2.07 4.68 -14.36
CA TYR A 373 -3.29 3.95 -14.79
C TYR A 373 -4.37 4.02 -13.72
N HIS A 374 -4.58 5.20 -13.15
CA HIS A 374 -5.82 5.62 -12.45
C HIS A 374 -5.91 5.11 -11.01
N VAL A 375 -4.92 4.38 -10.52
CA VAL A 375 -4.97 3.80 -9.16
C VAL A 375 -4.81 4.93 -8.14
N VAL A 376 -5.63 4.92 -7.08
CA VAL A 376 -5.76 6.07 -6.14
C VAL A 376 -4.89 5.86 -4.91
N GLY A 377 -4.26 4.70 -4.75
CA GLY A 377 -3.47 4.45 -3.55
C GLY A 377 -2.70 3.17 -3.66
N TRP A 378 -1.71 3.00 -2.78
CA TRP A 378 -0.79 1.84 -2.89
C TRP A 378 -0.37 1.43 -1.48
N THR A 379 -0.57 0.16 -1.19
CA THR A 379 -0.44 -0.39 0.17
C THR A 379 0.59 -1.49 0.18
N ASP A 380 1.60 -1.30 1.01
CA ASP A 380 2.62 -2.32 1.31
C ASP A 380 1.96 -3.43 2.13
N TRP A 381 2.63 -4.56 2.18
CA TRP A 381 2.28 -5.69 3.07
C TRP A 381 2.95 -5.48 4.43
N ASN A 382 3.52 -6.49 5.06
CA ASN A 382 3.97 -6.37 6.48
C ASN A 382 4.77 -5.07 6.71
N LEU A 383 4.40 -4.30 7.73
CA LEU A 383 5.14 -3.05 8.12
C LEU A 383 6.57 -3.38 8.56
N ALA A 384 6.78 -4.53 9.17
CA ALA A 384 8.12 -4.96 9.64
C ALA A 384 8.19 -6.48 9.68
N LEU A 385 9.35 -7.03 9.35
CA LEU A 385 9.61 -8.49 9.45
C LEU A 385 10.97 -8.68 10.11
N ASN A 386 11.27 -9.90 10.51
CA ASN A 386 12.59 -10.25 11.09
C ASN A 386 13.54 -10.54 9.93
N PRO A 387 14.85 -10.79 10.17
CA PRO A 387 15.80 -10.98 9.07
C PRO A 387 15.59 -12.21 8.18
N GLU A 388 14.78 -13.15 8.63
CA GLU A 388 14.37 -14.34 7.85
C GLU A 388 13.17 -13.98 6.96
N GLY A 389 12.49 -12.87 7.22
CA GLY A 389 11.24 -12.49 6.51
C GLY A 389 10.00 -13.07 7.18
N GLY A 390 10.08 -13.31 8.49
CA GLY A 390 9.00 -13.90 9.28
C GLY A 390 8.64 -13.06 10.49
N PRO A 391 7.89 -13.61 11.46
CA PRO A 391 7.46 -15.01 11.42
C PRO A 391 6.26 -15.27 10.50
N ASN A 392 6.05 -16.55 10.16
CA ASN A 392 5.04 -16.99 9.18
C ASN A 392 4.82 -18.49 9.37
N TRP A 393 3.59 -18.92 9.69
CA TRP A 393 3.34 -20.31 10.14
C TRP A 393 3.52 -21.30 8.98
N VAL A 394 3.56 -20.85 7.72
CA VAL A 394 3.86 -21.76 6.58
C VAL A 394 5.23 -21.43 5.98
N ARG A 395 6.03 -20.60 6.66
CA ARG A 395 7.39 -20.20 6.23
C ARG A 395 7.34 -19.55 4.83
N ASN A 396 6.25 -18.83 4.54
CA ASN A 396 6.14 -18.00 3.32
C ASN A 396 6.84 -16.67 3.59
N PHE A 397 8.15 -16.71 3.83
CA PHE A 397 8.97 -15.55 4.23
C PHE A 397 9.12 -14.60 3.04
N VAL A 398 9.04 -13.29 3.30
CA VAL A 398 9.15 -12.25 2.26
C VAL A 398 9.94 -11.08 2.84
N ASP A 399 10.11 -10.04 2.03
CA ASP A 399 10.86 -8.83 2.43
C ASP A 399 9.88 -7.76 2.94
N SER A 400 10.41 -6.79 3.68
CA SER A 400 9.66 -5.65 4.24
C SER A 400 10.57 -4.44 4.22
N PRO A 401 10.01 -3.21 4.00
CA PRO A 401 10.82 -2.00 4.06
C PRO A 401 11.55 -1.81 5.41
N ILE A 402 11.05 -2.42 6.50
CA ILE A 402 11.77 -2.39 7.79
C ILE A 402 12.00 -3.82 8.28
N ILE A 403 13.25 -4.11 8.59
CA ILE A 403 13.69 -5.43 9.11
C ILE A 403 14.17 -5.22 10.53
N VAL A 404 13.61 -5.97 11.49
N VAL A 404 13.54 -5.88 11.49
CA VAL A 404 13.90 -5.84 12.94
CA VAL A 404 13.95 -5.80 12.92
C VAL A 404 14.91 -6.91 13.37
C VAL A 404 15.04 -6.83 13.15
N ASP A 405 15.99 -6.49 14.03
CA ASP A 405 17.09 -7.37 14.49
C ASP A 405 17.02 -7.34 16.01
N ILE A 406 16.18 -8.20 16.58
N ILE A 406 16.19 -8.20 16.60
CA ILE A 406 15.82 -8.17 18.03
CA ILE A 406 15.82 -8.11 18.03
C ILE A 406 17.09 -8.23 18.88
C ILE A 406 17.05 -8.29 18.92
N THR A 407 18.03 -9.09 18.51
CA THR A 407 19.26 -9.34 19.31
C THR A 407 20.02 -8.03 19.49
N LYS A 408 19.95 -7.10 18.53
CA LYS A 408 20.70 -5.82 18.59
C LYS A 408 19.75 -4.67 18.93
N ASP A 409 18.50 -4.96 19.29
CA ASP A 409 17.47 -3.92 19.56
C ASP A 409 17.55 -2.86 18.45
N THR A 410 17.63 -3.34 17.21
CA THR A 410 17.92 -2.54 16.00
C THR A 410 16.83 -2.79 14.97
N PHE A 411 16.57 -1.81 14.12
CA PHE A 411 15.81 -2.08 12.88
C PHE A 411 16.50 -1.36 11.71
N TYR A 412 16.32 -1.93 10.52
CA TYR A 412 16.98 -1.47 9.28
C TYR A 412 15.92 -0.94 8.32
N LYS A 413 16.05 0.33 7.93
CA LYS A 413 15.18 0.95 6.91
C LYS A 413 15.83 0.73 5.56
N GLN A 414 15.16 -0.04 4.69
CA GLN A 414 15.71 -0.49 3.40
C GLN A 414 15.39 0.52 2.31
N PRO A 415 16.03 0.43 1.13
CA PRO A 415 15.62 1.25 -0.02
C PRO A 415 14.10 1.30 -0.27
N MET A 416 13.39 0.17 -0.13
CA MET A 416 11.92 0.15 -0.32
C MET A 416 11.27 1.25 0.53
N PHE A 417 11.74 1.46 1.76
CA PHE A 417 11.15 2.46 2.69
C PHE A 417 11.25 3.84 2.04
N TYR A 418 12.43 4.18 1.54
CA TYR A 418 12.69 5.54 0.99
C TYR A 418 11.94 5.70 -0.33
N HIS A 419 11.92 4.67 -1.17
CA HIS A 419 11.22 4.69 -2.47
C HIS A 419 9.72 4.92 -2.21
N LEU A 420 9.15 4.21 -1.24
CA LEU A 420 7.74 4.48 -0.83
C LEU A 420 7.57 5.94 -0.38
N GLY A 421 8.48 6.42 0.47
CA GLY A 421 8.41 7.76 1.07
C GLY A 421 8.48 8.88 0.05
N HIS A 422 9.16 8.67 -1.07
CA HIS A 422 9.22 9.66 -2.19
C HIS A 422 7.81 9.99 -2.68
N PHE A 423 6.84 9.09 -2.44
CA PHE A 423 5.42 9.32 -2.75
C PHE A 423 4.65 9.71 -1.48
N SER A 424 4.70 8.87 -0.43
CA SER A 424 3.76 9.02 0.72
C SER A 424 4.00 10.35 1.43
N LYS A 425 5.25 10.76 1.52
CA LYS A 425 5.59 11.99 2.26
C LYS A 425 4.99 13.20 1.56
N PHE A 426 4.94 13.17 0.23
CA PHE A 426 4.77 14.42 -0.57
C PHE A 426 3.44 14.44 -1.29
N ILE A 427 2.63 13.38 -1.15
CA ILE A 427 1.35 13.26 -1.88
C ILE A 427 0.24 13.03 -0.86
N PRO A 428 -0.29 14.12 -0.27
CA PRO A 428 -1.41 14.00 0.66
C PRO A 428 -2.68 13.49 -0.02
N GLU A 429 -3.54 12.89 0.80
CA GLU A 429 -4.90 12.52 0.38
C GLU A 429 -5.56 13.74 -0.26
N GLY A 430 -6.22 13.56 -1.40
CA GLY A 430 -6.90 14.64 -2.13
C GLY A 430 -6.02 15.25 -3.21
N SER A 431 -4.73 14.90 -3.27
CA SER A 431 -3.84 15.23 -4.43
C SER A 431 -4.45 14.64 -5.70
N GLN A 432 -4.22 15.27 -6.85
CA GLN A 432 -4.81 14.79 -8.12
C GLN A 432 -3.67 14.54 -9.10
N ARG A 433 -3.67 13.38 -9.75
N ARG A 433 -3.64 13.37 -9.73
CA ARG A 433 -2.72 13.07 -10.83
CA ARG A 433 -2.66 13.11 -10.81
C ARG A 433 -3.04 14.01 -12.00
C ARG A 433 -3.02 14.04 -11.97
N VAL A 434 -2.01 14.65 -12.56
CA VAL A 434 -2.18 15.51 -13.76
C VAL A 434 -1.21 15.02 -14.85
N GLY A 435 -1.38 15.49 -16.07
CA GLY A 435 -0.57 15.03 -17.18
C GLY A 435 0.87 15.47 -17.07
N LEU A 436 1.74 14.68 -17.71
CA LEU A 436 3.19 14.96 -17.82
C LEU A 436 3.65 14.23 -19.07
N VAL A 437 4.02 14.96 -20.11
N VAL A 437 4.16 15.01 -20.04
CA VAL A 437 4.45 14.30 -21.38
CA VAL A 437 4.41 14.63 -21.46
C VAL A 437 5.93 14.59 -21.60
C VAL A 437 5.92 14.70 -21.73
N ALA A 438 6.57 13.62 -22.20
CA ALA A 438 8.00 13.62 -22.56
C ALA A 438 8.17 14.08 -24.01
N SER A 439 9.21 14.88 -24.28
CA SER A 439 9.55 15.41 -25.63
C SER A 439 10.13 14.29 -26.51
N GLN A 440 10.70 13.25 -25.91
CA GLN A 440 11.37 12.13 -26.64
C GLN A 440 11.30 10.86 -25.79
N LYS A 441 11.39 9.70 -26.45
CA LYS A 441 11.55 8.38 -25.80
C LYS A 441 12.70 8.49 -24.80
N ASN A 442 12.56 7.86 -23.63
CA ASN A 442 13.52 7.98 -22.51
C ASN A 442 13.34 6.77 -21.60
N ASP A 443 14.31 6.51 -20.72
CA ASP A 443 14.34 5.36 -19.80
C ASP A 443 13.78 5.76 -18.42
N LEU A 444 13.22 6.95 -18.26
CA LEU A 444 12.73 7.41 -16.94
C LEU A 444 11.30 6.93 -16.72
N ASP A 445 10.93 6.76 -15.45
CA ASP A 445 9.51 6.61 -15.02
C ASP A 445 9.18 7.89 -14.28
N ALA A 446 8.10 8.58 -14.67
CA ALA A 446 7.74 9.83 -13.99
C ALA A 446 6.22 9.95 -13.87
N VAL A 447 5.79 10.66 -12.84
CA VAL A 447 4.37 10.99 -12.62
C VAL A 447 4.30 12.37 -11.99
N ALA A 448 3.25 13.12 -12.36
CA ALA A 448 2.97 14.48 -11.86
C ALA A 448 1.65 14.45 -11.10
N LEU A 449 1.64 15.14 -9.96
CA LEU A 449 0.44 15.33 -9.13
C LEU A 449 0.29 16.81 -8.83
N MET A 450 -0.95 17.24 -8.72
CA MET A 450 -1.25 18.57 -8.15
C MET A 450 -1.69 18.37 -6.70
N HIS A 451 -0.91 18.94 -5.80
CA HIS A 451 -1.22 19.02 -4.36
C HIS A 451 -2.56 19.71 -4.20
N PRO A 452 -3.35 19.41 -3.14
CA PRO A 452 -4.62 20.11 -2.95
C PRO A 452 -4.53 21.64 -3.00
N ASP A 453 -3.39 22.25 -2.63
CA ASP A 453 -3.25 23.74 -2.62
C ASP A 453 -2.92 24.29 -4.02
N GLY A 454 -2.73 23.42 -5.03
CA GLY A 454 -2.48 23.81 -6.43
C GLY A 454 -1.03 23.67 -6.83
N SER A 455 -0.14 23.38 -5.88
CA SER A 455 1.32 23.22 -6.10
C SER A 455 1.61 21.90 -6.82
N ALA A 456 2.80 21.79 -7.40
CA ALA A 456 3.18 20.62 -8.24
C ALA A 456 4.08 19.70 -7.44
N VAL A 457 3.90 18.40 -7.65
CA VAL A 457 4.76 17.31 -7.12
C VAL A 457 5.07 16.39 -8.28
N VAL A 458 6.36 16.18 -8.57
CA VAL A 458 6.75 15.27 -9.66
C VAL A 458 7.76 14.28 -9.10
N VAL A 459 7.52 13.00 -9.36
CA VAL A 459 8.46 11.93 -8.97
C VAL A 459 9.13 11.41 -10.24
N VAL A 460 10.45 11.34 -10.24
CA VAL A 460 11.23 10.85 -11.40
C VAL A 460 12.12 9.72 -10.92
N LEU A 461 11.92 8.53 -11.50
CA LEU A 461 12.71 7.33 -11.20
C LEU A 461 13.56 7.02 -12.42
N ASN A 462 14.86 6.83 -12.20
CA ASN A 462 15.80 6.37 -13.25
C ASN A 462 16.24 4.95 -12.87
N ARG A 463 15.71 3.93 -13.53
CA ARG A 463 16.12 2.53 -13.26
C ARG A 463 17.29 2.15 -14.17
N SER A 464 17.76 3.06 -15.02
CA SER A 464 18.95 2.82 -15.88
C SER A 464 20.22 3.22 -15.13
N SER A 465 21.38 2.80 -15.64
CA SER A 465 22.73 3.12 -15.11
C SER A 465 23.18 4.53 -15.56
N LYS A 466 22.49 5.13 -16.54
CA LYS A 466 22.96 6.37 -17.21
C LYS A 466 22.30 7.60 -16.57
N ASP A 467 23.11 8.63 -16.32
CA ASP A 467 22.64 9.97 -15.89
C ASP A 467 21.84 10.57 -17.04
N VAL A 468 20.69 11.16 -16.76
CA VAL A 468 19.82 11.76 -17.81
C VAL A 468 19.62 13.22 -17.45
N PRO A 469 20.28 14.19 -18.13
CA PRO A 469 19.95 15.59 -17.98
C PRO A 469 18.50 15.79 -18.43
N LEU A 470 17.75 16.62 -17.72
CA LEU A 470 16.40 16.94 -18.19
C LEU A 470 15.93 18.27 -17.62
N THR A 471 14.88 18.75 -18.27
CA THR A 471 14.13 19.97 -17.95
C THR A 471 12.68 19.56 -17.67
N ILE A 472 12.12 20.13 -16.62
CA ILE A 472 10.65 20.05 -16.35
C ILE A 472 10.08 21.42 -16.69
N LYS A 473 9.07 21.43 -17.57
CA LYS A 473 8.36 22.68 -17.93
C LYS A 473 7.03 22.72 -17.21
N ASP A 474 6.79 23.81 -16.50
CA ASP A 474 5.46 24.19 -16.00
C ASP A 474 5.05 25.43 -16.79
N PRO A 475 4.07 25.31 -17.71
CA PRO A 475 3.74 26.43 -18.60
C PRO A 475 3.40 27.75 -17.88
N ALA A 476 2.91 27.71 -16.65
CA ALA A 476 2.50 28.91 -15.87
C ALA A 476 3.71 29.59 -15.22
N VAL A 477 4.81 28.87 -14.99
CA VAL A 477 5.82 29.25 -13.96
C VAL A 477 7.21 29.29 -14.59
N GLY A 478 7.54 28.30 -15.41
CA GLY A 478 8.82 28.23 -16.13
C GLY A 478 9.44 26.86 -16.04
N PHE A 479 10.77 26.80 -16.01
CA PHE A 479 11.54 25.58 -16.28
C PHE A 479 12.45 25.23 -15.11
N LEU A 480 12.49 23.95 -14.77
CA LEU A 480 13.42 23.39 -13.76
C LEU A 480 14.52 22.66 -14.53
N GLU A 481 15.74 23.19 -14.49
CA GLU A 481 16.89 22.48 -15.10
C GLU A 481 17.45 21.51 -14.07
N THR A 482 17.48 20.23 -14.40
CA THR A 482 17.89 19.21 -13.43
C THR A 482 18.59 18.07 -14.16
N ILE A 483 18.94 17.04 -13.40
CA ILE A 483 19.56 15.81 -13.93
C ILE A 483 19.09 14.66 -13.06
N SER A 484 18.78 13.54 -13.69
CA SER A 484 18.32 12.29 -13.05
C SER A 484 19.49 11.32 -13.09
N PRO A 485 20.28 11.19 -12.00
CA PRO A 485 21.40 10.25 -12.02
C PRO A 485 20.91 8.81 -12.23
N GLY A 486 21.77 7.98 -12.83
CA GLY A 486 21.55 6.52 -12.91
C GLY A 486 21.16 5.98 -11.53
N TYR A 487 20.18 5.10 -11.45
CA TYR A 487 19.76 4.46 -10.17
C TYR A 487 19.52 5.53 -9.11
N SER A 488 18.64 6.49 -9.44
CA SER A 488 18.16 7.53 -8.51
C SER A 488 16.64 7.57 -8.52
N ILE A 489 16.09 8.16 -7.48
CA ILE A 489 14.67 8.61 -7.46
C ILE A 489 14.67 10.04 -6.90
N HIS A 490 13.90 10.89 -7.53
CA HIS A 490 13.72 12.31 -7.15
C HIS A 490 12.24 12.58 -6.91
N THR A 491 11.95 13.40 -5.92
CA THR A 491 10.68 14.12 -5.81
C THR A 491 10.97 15.63 -5.92
N TYR A 492 10.30 16.26 -6.87
CA TYR A 492 10.32 17.72 -7.12
C TYR A 492 9.04 18.33 -6.56
N LEU A 493 9.20 19.44 -5.86
CA LEU A 493 8.07 20.26 -5.33
C LEU A 493 8.24 21.68 -5.84
N TRP A 494 7.18 22.32 -6.32
CA TRP A 494 7.21 23.79 -6.53
C TRP A 494 5.81 24.36 -6.46
N ARG A 495 5.72 25.61 -6.01
CA ARG A 495 4.48 26.40 -6.06
C ARG A 495 4.27 26.95 -7.47
N ARG A 496 3.01 27.13 -7.84
CA ARG A 496 2.64 27.56 -9.21
C ARG A 496 2.10 28.99 -9.17
N GLN A 497 1.85 29.52 -7.98
CA GLN A 497 1.26 30.86 -7.78
C GLN A 497 1.71 31.44 -6.44
#